data_4HMV
#
_entry.id   4HMV
#
_cell.length_a   57.668
_cell.length_b   63.575
_cell.length_c   133.224
_cell.angle_alpha   90.000
_cell.angle_beta   90.000
_cell.angle_gamma   90.000
#
_symmetry.space_group_name_H-M   'P 21 21 21'
#
loop_
_entity.id
_entity.type
_entity.pdbx_description
1 polymer 'Phenazine biosynthesis protein phzG'
2 non-polymer 'FLAVIN MONONUCLEOTIDE'
3 non-polymer 'SULFATE ION'
4 non-polymer '(1R,10aS)-1,2,10,10a-tetrahydrophenazine-1-carboxylic acid'
5 water water
#
_entity_poly.entity_id   1
_entity_poly.type   'polypeptide(L)'
_entity_poly.pdbx_seq_one_letter_code
;GSHMNGSIQGKPLLGKGMSESLTGTLDAPFPEYQTLPADPMSVLHNWLERARRVGIREPRALALATADSQGRPSTRIVVI
SEISDAGVVFSTHAGSQKGRELLHNPWASGVLYWRETSQQIILNGQAVRLPNAKADDAWLKRPYATHPMSSVSRQSEELQ
DVQAMRNAARQLAELQGPLPRPEGYCVFELRLESLEFWGNGQERLHERLRYDRSDTGWNVRRLQP
;
_entity_poly.pdbx_strand_id   A,B
#
loop_
_chem_comp.id
_chem_comp.type
_chem_comp.name
_chem_comp.formula
FMN non-polymer 'FLAVIN MONONUCLEOTIDE' 'C17 H21 N4 O9 P'
SO4 non-polymer 'SULFATE ION' 'O4 S -2'
WUB non-polymer '(1R,10aS)-1,2,10,10a-tetrahydrophenazine-1-carboxylic acid' 'C13 H12 N2 O2'
#
# COMPACT_ATOMS: atom_id res chain seq x y z
N GLY A 24 15.74 -2.13 9.81
CA GLY A 24 16.63 -2.93 8.98
C GLY A 24 18.08 -2.50 9.08
N THR A 25 18.45 -1.52 8.28
CA THR A 25 19.84 -1.16 8.08
C THR A 25 20.17 0.19 8.76
N LEU A 26 19.14 0.97 9.11
CA LEU A 26 19.34 2.28 9.74
C LEU A 26 18.69 2.31 11.12
N ASP A 27 19.23 3.16 11.99
CA ASP A 27 18.69 3.37 13.33
C ASP A 27 17.19 3.64 13.32
N ALA A 28 16.47 3.01 14.24
CA ALA A 28 15.02 3.08 14.23
C ALA A 28 14.43 3.26 15.64
N PRO A 29 14.72 4.41 16.27
CA PRO A 29 14.20 4.70 17.62
C PRO A 29 12.67 4.79 17.65
N PHE A 30 12.07 4.31 18.73
CA PHE A 30 10.61 4.29 18.89
C PHE A 30 10.29 4.53 20.37
N PRO A 31 10.76 5.67 20.89
CA PRO A 31 10.51 5.99 22.32
C PRO A 31 9.03 6.16 22.63
N GLU A 32 8.24 6.50 21.61
CA GLU A 32 6.83 6.73 21.81
C GLU A 32 6.10 5.46 22.27
N TYR A 33 6.62 4.30 21.91
CA TYR A 33 6.04 3.04 22.34
C TYR A 33 6.08 2.92 23.87
N GLN A 34 7.07 3.56 24.49
CA GLN A 34 7.17 3.56 25.94
C GLN A 34 6.39 4.69 26.56
N THR A 35 6.47 5.88 25.96
CA THR A 35 5.97 7.09 26.61
C THR A 35 4.49 7.39 26.34
N LEU A 36 3.95 6.81 25.28
CA LEU A 36 2.55 6.98 24.90
C LEU A 36 2.15 8.47 24.79
N PRO A 37 2.79 9.20 23.86
CA PRO A 37 2.45 10.60 23.67
C PRO A 37 0.97 10.79 23.39
N ALA A 38 0.37 11.87 23.87
CA ALA A 38 -1.06 12.08 23.71
C ALA A 38 -1.51 12.41 22.29
N ASP A 39 -0.65 13.09 21.52
CA ASP A 39 -1.05 13.60 20.21
C ASP A 39 -0.35 12.83 19.09
N PRO A 40 -1.09 11.95 18.39
CA PRO A 40 -0.45 11.16 17.32
C PRO A 40 0.02 12.03 16.16
N MET A 41 -0.53 13.23 15.97
CA MET A 41 -0.08 14.05 14.87
CA MET A 41 -0.08 14.07 14.87
C MET A 41 1.33 14.58 15.12
N SER A 42 1.70 14.75 16.39
N SER A 42 1.69 14.76 16.38
CA SER A 42 3.05 15.16 16.73
CA SER A 42 3.04 15.14 16.75
C SER A 42 4.02 13.99 16.54
C SER A 42 3.98 13.98 16.43
N VAL A 43 3.55 12.77 16.79
CA VAL A 43 4.34 11.58 16.51
C VAL A 43 4.54 11.45 15.00
N LEU A 44 3.47 11.67 14.24
CA LEU A 44 3.56 11.58 12.79
C LEU A 44 4.57 12.58 12.25
N HIS A 45 4.48 13.83 12.70
CA HIS A 45 5.40 14.85 12.24
C HIS A 45 6.86 14.45 12.55
N ASN A 46 7.07 13.96 13.76
CA ASN A 46 8.42 13.60 14.20
C ASN A 46 8.98 12.39 13.42
N TRP A 47 8.14 11.38 13.18
CA TRP A 47 8.59 10.24 12.36
C TRP A 47 8.97 10.68 10.92
N LEU A 48 8.15 11.53 10.32
CA LEU A 48 8.42 11.99 8.97
C LEU A 48 9.66 12.86 8.91
N GLU A 49 9.84 13.72 9.92
CA GLU A 49 11.01 14.57 9.91
C GLU A 49 12.27 13.73 10.06
N ARG A 50 12.21 12.72 10.90
CA ARG A 50 13.33 11.82 11.12
CA ARG A 50 13.33 11.83 11.12
C ARG A 50 13.63 11.03 9.85
N ALA A 51 12.58 10.61 9.17
CA ALA A 51 12.76 9.87 7.93
C ALA A 51 13.54 10.73 6.94
N ARG A 52 13.19 12.02 6.87
CA ARG A 52 13.88 12.92 5.96
C ARG A 52 15.35 13.07 6.36
N ARG A 53 15.59 13.18 7.66
CA ARG A 53 16.94 13.41 8.16
C ARG A 53 17.88 12.23 7.93
N VAL A 54 17.37 11.02 8.12
CA VAL A 54 18.21 9.83 8.06
C VAL A 54 18.31 9.32 6.65
N GLY A 55 17.54 9.91 5.74
CA GLY A 55 17.63 9.62 4.32
C GLY A 55 16.84 8.42 3.82
N ILE A 56 15.70 8.13 4.44
CA ILE A 56 14.80 7.09 3.95
CA ILE A 56 14.81 7.09 3.94
C ILE A 56 14.42 7.43 2.50
N ARG A 57 14.41 6.43 1.63
CA ARG A 57 14.08 6.61 0.24
C ARG A 57 12.58 6.65 0.02
N GLU A 58 12.10 7.77 -0.52
CA GLU A 58 10.67 7.96 -0.80
C GLU A 58 9.76 7.63 0.40
N PRO A 59 9.96 8.35 1.49
CA PRO A 59 9.19 8.01 2.68
C PRO A 59 7.74 8.36 2.58
N ARG A 60 7.36 9.26 1.67
CA ARG A 60 5.97 9.71 1.57
CA ARG A 60 5.96 9.73 1.56
C ARG A 60 5.14 9.00 0.48
N ALA A 61 5.67 7.88 -0.01
CA ALA A 61 4.97 7.06 -0.97
C ALA A 61 3.95 6.21 -0.22
N LEU A 62 2.69 6.64 -0.28
CA LEU A 62 1.60 6.07 0.46
C LEU A 62 0.81 5.07 -0.37
N ALA A 63 0.70 3.83 0.12
CA ALA A 63 -0.16 2.85 -0.52
C ALA A 63 -1.57 3.11 -0.04
N LEU A 64 -2.38 3.75 -0.90
CA LEU A 64 -3.69 4.26 -0.53
C LEU A 64 -4.80 3.33 -1.02
N ALA A 65 -5.63 2.91 -0.07
CA ALA A 65 -6.77 2.03 -0.35
C ALA A 65 -8.08 2.81 -0.25
N THR A 66 -8.92 2.59 -1.25
CA THR A 66 -10.30 3.07 -1.30
C THR A 66 -11.16 1.83 -1.56
N ALA A 67 -12.50 1.97 -1.57
CA ALA A 67 -13.36 0.85 -1.89
C ALA A 67 -14.59 1.30 -2.67
N ASP A 68 -15.05 0.42 -3.54
CA ASP A 68 -16.21 0.68 -4.35
C ASP A 68 -17.52 0.45 -3.59
N SER A 69 -18.64 0.59 -4.29
CA SER A 69 -19.97 0.51 -3.68
CA SER A 69 -19.96 0.53 -3.67
C SER A 69 -20.33 -0.87 -3.15
N GLN A 70 -19.58 -1.88 -3.58
CA GLN A 70 -19.75 -3.25 -3.10
C GLN A 70 -18.81 -3.59 -1.93
N GLY A 71 -17.97 -2.65 -1.54
CA GLY A 71 -16.97 -2.92 -0.52
C GLY A 71 -15.70 -3.61 -1.04
N ARG A 72 -15.42 -3.50 -2.34
CA ARG A 72 -14.20 -4.12 -2.88
C ARG A 72 -13.06 -3.12 -2.91
N PRO A 73 -11.99 -3.40 -2.18
CA PRO A 73 -10.90 -2.42 -2.13
C PRO A 73 -10.14 -2.30 -3.46
N SER A 74 -9.49 -1.14 -3.62
CA SER A 74 -8.51 -0.94 -4.68
C SER A 74 -7.36 -0.18 -4.05
N THR A 75 -6.17 -0.33 -4.62
CA THR A 75 -4.97 0.28 -4.09
C THR A 75 -4.09 0.87 -5.18
N ARG A 76 -3.23 1.79 -4.77
CA ARG A 76 -2.20 2.39 -5.64
C ARG A 76 -1.32 3.26 -4.76
N ILE A 77 -0.13 3.63 -5.27
CA ILE A 77 0.70 4.59 -4.57
C ILE A 77 0.27 6.02 -4.92
N VAL A 78 0.19 6.88 -3.90
CA VAL A 78 0.13 8.33 -4.07
C VAL A 78 1.17 8.96 -3.15
N VAL A 79 1.56 10.20 -3.44
CA VAL A 79 2.51 10.90 -2.60
CA VAL A 79 2.49 10.91 -2.60
C VAL A 79 1.77 11.85 -1.65
N ILE A 80 2.13 11.78 -0.38
CA ILE A 80 1.63 12.72 0.61
C ILE A 80 2.34 14.04 0.38
N SER A 81 1.57 15.08 0.08
CA SER A 81 2.14 16.38 -0.24
CA SER A 81 2.13 16.38 -0.25
C SER A 81 2.33 17.27 0.97
N GLU A 82 1.50 17.07 1.98
CA GLU A 82 1.61 17.84 3.20
C GLU A 82 0.87 17.14 4.33
N ILE A 83 1.29 17.49 5.55
CA ILE A 83 0.60 17.07 6.75
C ILE A 83 -0.21 18.28 7.19
N SER A 84 -1.45 18.04 7.59
CA SER A 84 -2.31 19.10 8.05
C SER A 84 -2.72 18.84 9.50
N ASP A 85 -3.48 19.78 10.07
CA ASP A 85 -3.95 19.64 11.44
C ASP A 85 -4.72 18.34 11.58
N ALA A 86 -5.61 18.06 10.63
CA ALA A 86 -6.50 16.89 10.69
C ALA A 86 -5.92 15.60 10.10
N GLY A 87 -4.86 15.67 9.30
CA GLY A 87 -4.39 14.47 8.65
C GLY A 87 -3.31 14.68 7.61
N VAL A 88 -3.51 14.11 6.42
CA VAL A 88 -2.50 14.20 5.36
C VAL A 88 -3.21 14.55 4.06
N VAL A 89 -2.48 15.15 3.14
CA VAL A 89 -3.03 15.69 1.91
C VAL A 89 -2.32 15.08 0.70
N PHE A 90 -3.08 14.81 -0.34
CA PHE A 90 -2.52 14.32 -1.62
C PHE A 90 -3.35 14.86 -2.76
N SER A 91 -2.80 14.85 -3.98
CA SER A 91 -3.52 15.30 -5.16
CA SER A 91 -3.51 15.30 -5.16
C SER A 91 -3.75 14.14 -6.11
N THR A 92 -4.77 14.26 -6.94
CA THR A 92 -5.10 13.23 -7.91
C THR A 92 -6.07 13.78 -8.95
N HIS A 93 -6.57 12.92 -9.83
CA HIS A 93 -7.67 13.30 -10.73
C HIS A 93 -9.01 12.74 -10.24
N ALA A 94 -10.03 13.60 -10.25
CA ALA A 94 -11.33 13.23 -9.70
C ALA A 94 -11.96 12.08 -10.46
N GLY A 95 -11.66 11.95 -11.74
CA GLY A 95 -12.27 10.90 -12.54
C GLY A 95 -11.50 9.59 -12.55
N SER A 96 -10.42 9.52 -11.79
CA SER A 96 -9.66 8.28 -11.62
C SER A 96 -10.49 7.27 -10.85
N GLN A 97 -9.99 6.03 -10.74
CA GLN A 97 -10.70 5.05 -9.92
C GLN A 97 -10.80 5.50 -8.46
N LYS A 98 -9.70 6.00 -7.91
CA LYS A 98 -9.72 6.39 -6.50
C LYS A 98 -10.67 7.58 -6.31
N GLY A 99 -10.71 8.47 -7.29
CA GLY A 99 -11.56 9.64 -7.20
C GLY A 99 -13.03 9.26 -7.22
N ARG A 100 -13.37 8.36 -8.13
CA ARG A 100 -14.75 7.88 -8.25
CA ARG A 100 -14.75 7.88 -8.25
C ARG A 100 -15.16 7.11 -7.02
N GLU A 101 -14.24 6.31 -6.46
CA GLU A 101 -14.56 5.57 -5.24
C GLU A 101 -14.76 6.52 -4.06
N LEU A 102 -13.87 7.49 -3.89
CA LEU A 102 -13.99 8.42 -2.77
C LEU A 102 -15.24 9.31 -2.85
N LEU A 103 -15.72 9.55 -4.06
CA LEU A 103 -16.92 10.37 -4.25
C LEU A 103 -18.10 9.76 -3.53
N HIS A 104 -18.21 8.44 -3.56
CA HIS A 104 -19.34 7.74 -2.96
C HIS A 104 -19.03 7.09 -1.63
N ASN A 105 -17.76 6.82 -1.38
CA ASN A 105 -17.32 6.19 -0.12
C ASN A 105 -16.07 6.91 0.34
N PRO A 106 -16.20 7.87 1.28
CA PRO A 106 -15.03 8.68 1.64
CA PRO A 106 -15.02 8.68 1.63
C PRO A 106 -13.98 7.96 2.49
N TRP A 107 -14.30 6.79 3.00
CA TRP A 107 -13.38 6.08 3.89
C TRP A 107 -12.20 5.48 3.13
N ALA A 108 -11.01 5.69 3.67
CA ALA A 108 -9.77 5.26 3.04
C ALA A 108 -8.76 4.88 4.10
N SER A 109 -7.73 4.15 3.67
CA SER A 109 -6.63 3.80 4.54
C SER A 109 -5.38 3.80 3.70
N GLY A 110 -4.28 4.24 4.28
CA GLY A 110 -3.01 4.18 3.61
C GLY A 110 -1.90 3.70 4.51
N VAL A 111 -0.90 3.06 3.91
CA VAL A 111 0.27 2.63 4.67
C VAL A 111 1.55 3.18 4.04
N LEU A 112 2.40 3.69 4.93
CA LEU A 112 3.77 4.04 4.62
C LEU A 112 4.65 2.92 5.17
N TYR A 113 5.60 2.43 4.38
CA TYR A 113 6.48 1.34 4.84
C TYR A 113 7.90 1.73 4.45
N TRP A 114 8.77 1.80 5.46
CA TRP A 114 10.17 2.21 5.29
C TRP A 114 11.06 0.99 5.56
N ARG A 115 11.54 0.37 4.48
CA ARG A 115 12.37 -0.81 4.56
C ARG A 115 13.62 -0.61 5.42
N GLU A 116 14.24 0.56 5.27
CA GLU A 116 15.52 0.82 5.91
C GLU A 116 15.46 0.76 7.43
N THR A 117 14.34 1.19 8.00
CA THR A 117 14.17 1.20 9.44
C THR A 117 13.17 0.16 9.95
N SER A 118 12.62 -0.65 9.05
CA SER A 118 11.57 -1.60 9.39
C SER A 118 10.45 -0.93 10.19
N GLN A 119 9.87 0.12 9.62
CA GLN A 119 8.80 0.88 10.24
C GLN A 119 7.61 1.04 9.31
N GLN A 120 6.40 0.99 9.85
CA GLN A 120 5.18 1.29 9.07
C GLN A 120 4.41 2.36 9.81
N ILE A 121 3.67 3.15 9.03
CA ILE A 121 2.65 4.04 9.55
C ILE A 121 1.37 3.76 8.79
N ILE A 122 0.32 3.43 9.53
CA ILE A 122 -0.99 3.17 8.96
C ILE A 122 -1.92 4.31 9.32
N LEU A 123 -2.60 4.83 8.31
CA LEU A 123 -3.42 6.03 8.40
C LEU A 123 -4.83 5.73 7.92
N ASN A 124 -5.81 5.88 8.79
CA ASN A 124 -7.19 5.56 8.46
C ASN A 124 -8.08 6.78 8.68
N GLY A 125 -9.00 7.02 7.75
CA GLY A 125 -9.94 8.12 7.95
C GLY A 125 -10.85 8.37 6.76
N GLN A 126 -11.39 9.58 6.67
CA GLN A 126 -12.24 9.96 5.56
C GLN A 126 -11.56 11.01 4.70
N ALA A 127 -11.60 10.82 3.39
CA ALA A 127 -10.95 11.75 2.49
C ALA A 127 -11.99 12.71 1.93
N VAL A 128 -11.68 13.99 2.04
CA VAL A 128 -12.57 15.06 1.63
C VAL A 128 -11.89 15.91 0.56
N ARG A 129 -12.62 16.18 -0.52
CA ARG A 129 -12.09 16.99 -1.60
C ARG A 129 -12.06 18.46 -1.19
N LEU A 130 -10.90 19.10 -1.35
CA LEU A 130 -10.73 20.49 -0.95
C LEU A 130 -11.15 21.43 -2.07
N PRO A 131 -11.33 22.74 -1.75
CA PRO A 131 -11.82 23.70 -2.74
C PRO A 131 -10.86 23.93 -3.89
N ASN A 132 -11.41 24.50 -4.95
CA ASN A 132 -10.62 24.72 -6.15
C ASN A 132 -9.42 25.65 -5.98
N ALA A 133 -9.50 26.61 -5.07
CA ALA A 133 -8.37 27.50 -4.86
C ALA A 133 -7.17 26.71 -4.32
N LYS A 134 -7.45 25.73 -3.46
CA LYS A 134 -6.40 24.85 -2.95
C LYS A 134 -5.80 24.03 -4.10
N ALA A 135 -6.66 23.52 -4.98
CA ALA A 135 -6.21 22.72 -6.12
C ALA A 135 -5.38 23.56 -7.07
N ASP A 136 -5.79 24.83 -7.27
CA ASP A 136 -5.02 25.73 -8.12
C ASP A 136 -3.61 25.89 -7.59
N ASP A 137 -3.48 26.10 -6.28
CA ASP A 137 -2.19 26.28 -5.66
C ASP A 137 -1.33 25.02 -5.78
N ALA A 138 -1.92 23.86 -5.50
CA ALA A 138 -1.21 22.59 -5.62
C ALA A 138 -0.73 22.39 -7.07
N TRP A 139 -1.57 22.69 -8.04
CA TRP A 139 -1.21 22.52 -9.44
C TRP A 139 -0.02 23.40 -9.79
N LEU A 140 -0.05 24.66 -9.34
CA LEU A 140 1.04 25.58 -9.63
C LEU A 140 2.34 25.22 -8.93
N LYS A 141 2.26 24.43 -7.86
CA LYS A 141 3.44 24.02 -7.14
C LYS A 141 4.10 22.77 -7.74
N ARG A 142 3.44 22.12 -8.68
CA ARG A 142 4.06 21.01 -9.39
CA ARG A 142 4.05 20.99 -9.40
C ARG A 142 5.06 21.54 -10.39
N PRO A 143 6.12 20.77 -10.66
CA PRO A 143 7.03 21.17 -11.72
C PRO A 143 6.23 21.34 -13.01
N TYR A 144 6.47 22.41 -13.75
CA TYR A 144 5.68 22.68 -14.96
C TYR A 144 5.83 21.59 -16.02
N ALA A 145 6.93 20.85 -15.99
CA ALA A 145 7.11 19.75 -16.94
C ALA A 145 6.05 18.65 -16.79
N THR A 146 5.39 18.60 -15.65
CA THR A 146 4.31 17.63 -15.42
C THR A 146 2.96 18.07 -16.00
N HIS A 147 2.82 19.34 -16.33
CA HIS A 147 1.51 19.86 -16.71
C HIS A 147 1.00 19.29 -18.04
N PRO A 148 1.87 19.12 -19.06
CA PRO A 148 1.33 18.64 -20.33
C PRO A 148 0.64 17.26 -20.24
N MET A 149 1.29 16.26 -19.66
CA MET A 149 0.68 14.93 -19.64
C MET A 149 -0.54 14.91 -18.72
N SER A 150 -0.45 15.62 -17.59
CA SER A 150 -1.58 15.67 -16.65
C SER A 150 -2.77 16.41 -17.26
N SER A 151 -2.51 17.25 -18.26
CA SER A 151 -3.58 17.95 -18.94
C SER A 151 -4.27 17.11 -20.01
N VAL A 152 -3.50 16.34 -20.76
CA VAL A 152 -4.06 15.55 -21.86
CA VAL A 152 -4.04 15.54 -21.85
C VAL A 152 -4.70 14.25 -21.37
N SER A 153 -4.18 13.67 -20.29
CA SER A 153 -4.63 12.38 -19.84
C SER A 153 -5.86 12.48 -19.01
N ARG A 154 -6.76 11.54 -19.19
CA ARG A 154 -7.93 11.36 -18.34
C ARG A 154 -7.64 10.12 -17.48
N GLN A 155 -6.99 10.37 -16.35
CA GLN A 155 -6.41 9.32 -15.56
C GLN A 155 -7.35 8.12 -15.36
N SER A 156 -6.83 6.92 -15.68
CA SER A 156 -7.48 5.62 -15.46
C SER A 156 -8.56 5.24 -16.46
N GLU A 157 -8.94 6.15 -17.37
CA GLU A 157 -9.76 5.77 -18.51
C GLU A 157 -8.92 4.89 -19.46
N GLU A 158 -9.57 4.12 -20.31
CA GLU A 158 -8.82 3.33 -21.28
C GLU A 158 -8.03 4.25 -22.22
N LEU A 159 -6.78 3.90 -22.47
CA LEU A 159 -5.92 4.59 -23.43
C LEU A 159 -6.03 3.85 -24.76
N GLN A 160 -6.67 4.48 -25.74
CA GLN A 160 -6.93 3.87 -27.03
C GLN A 160 -5.82 4.06 -28.05
N ASP A 161 -5.00 5.10 -27.86
CA ASP A 161 -3.98 5.46 -28.86
C ASP A 161 -2.81 6.12 -28.12
N VAL A 162 -1.78 5.31 -27.86
CA VAL A 162 -0.62 5.77 -27.11
C VAL A 162 0.08 6.93 -27.83
N GLN A 163 0.35 6.76 -29.11
CA GLN A 163 1.08 7.77 -29.85
C GLN A 163 0.32 9.10 -29.91
N ALA A 164 -1.00 9.04 -30.05
CA ALA A 164 -1.78 10.27 -30.07
C ALA A 164 -1.64 11.03 -28.75
N MET A 165 -1.64 10.32 -27.63
CA MET A 165 -1.46 10.98 -26.34
C MET A 165 -0.06 11.60 -26.26
N ARG A 166 0.94 10.82 -26.66
CA ARG A 166 2.31 11.29 -26.64
C ARG A 166 2.47 12.58 -27.46
N ASN A 167 1.89 12.59 -28.65
CA ASN A 167 2.02 13.73 -29.53
C ASN A 167 1.29 14.96 -28.99
N ALA A 168 0.10 14.76 -28.41
CA ALA A 168 -0.63 15.89 -27.89
C ALA A 168 0.12 16.52 -26.71
N ALA A 169 0.67 15.68 -25.83
CA ALA A 169 1.43 16.22 -24.71
C ALA A 169 2.66 16.96 -25.20
N ARG A 170 3.33 16.44 -26.22
CA ARG A 170 4.52 17.09 -26.77
C ARG A 170 4.18 18.48 -27.28
N GLN A 171 3.00 18.64 -27.87
CA GLN A 171 2.57 19.97 -28.31
C GLN A 171 2.49 20.94 -27.13
N LEU A 172 1.89 20.51 -26.02
CA LEU A 172 1.81 21.36 -24.84
C LEU A 172 3.17 21.57 -24.16
N ALA A 173 4.08 20.60 -24.28
CA ALA A 173 5.40 20.70 -23.66
C ALA A 173 6.24 21.81 -24.27
N GLU A 174 5.88 22.27 -25.45
CA GLU A 174 6.59 23.36 -26.12
C GLU A 174 6.33 24.69 -25.42
N LEU A 175 5.24 24.80 -24.68
CA LEU A 175 4.86 26.07 -24.08
C LEU A 175 5.70 26.40 -22.85
N GLN A 176 5.80 27.69 -22.54
CA GLN A 176 6.32 28.11 -21.24
C GLN A 176 5.22 27.87 -20.19
N GLY A 177 5.46 26.94 -19.29
CA GLY A 177 4.50 26.63 -18.23
C GLY A 177 4.38 27.87 -17.38
N PRO A 178 3.41 27.89 -16.47
CA PRO A 178 2.43 26.83 -16.16
C PRO A 178 1.24 26.81 -17.13
N LEU A 179 0.62 25.64 -17.32
CA LEU A 179 -0.68 25.54 -17.96
C LEU A 179 -1.82 25.75 -16.96
N PRO A 180 -3.02 26.03 -17.48
CA PRO A 180 -4.23 26.08 -16.64
C PRO A 180 -4.42 24.76 -15.90
N ARG A 181 -4.98 24.81 -14.70
CA ARG A 181 -5.35 23.56 -14.00
C ARG A 181 -6.48 22.88 -14.74
N PRO A 182 -6.32 21.59 -15.09
CA PRO A 182 -7.42 20.83 -15.70
C PRO A 182 -8.55 20.60 -14.70
N GLU A 183 -9.79 20.63 -15.18
CA GLU A 183 -10.98 20.58 -14.32
C GLU A 183 -10.97 19.47 -13.25
N GLY A 184 -10.48 18.31 -13.63
CA GLY A 184 -10.50 17.17 -12.72
C GLY A 184 -9.35 17.10 -11.73
N TYR A 185 -8.33 17.94 -11.86
CA TYR A 185 -7.23 17.91 -10.93
CA TYR A 185 -7.22 17.90 -10.92
C TYR A 185 -7.69 18.42 -9.57
N CYS A 186 -7.54 17.57 -8.55
CA CYS A 186 -8.10 17.89 -7.25
C CYS A 186 -7.17 17.51 -6.12
N VAL A 187 -7.47 18.01 -4.93
CA VAL A 187 -6.68 17.76 -3.73
C VAL A 187 -7.64 17.18 -2.71
N PHE A 188 -7.21 16.11 -2.04
CA PHE A 188 -7.96 15.46 -0.98
C PHE A 188 -7.21 15.61 0.35
N GLU A 189 -7.96 15.82 1.41
CA GLU A 189 -7.41 15.72 2.76
C GLU A 189 -7.97 14.47 3.40
N LEU A 190 -7.07 13.57 3.78
CA LEU A 190 -7.45 12.40 4.53
C LEU A 190 -7.47 12.78 6.00
N ARG A 191 -8.67 12.98 6.51
CA ARG A 191 -8.90 13.39 7.89
C ARG A 191 -8.93 12.15 8.78
N LEU A 192 -7.94 12.06 9.66
CA LEU A 192 -7.66 10.81 10.33
C LEU A 192 -8.56 10.51 11.51
N GLU A 193 -8.99 9.25 11.58
CA GLU A 193 -9.77 8.72 12.70
C GLU A 193 -8.93 7.73 13.51
N SER A 194 -7.92 7.12 12.89
CA SER A 194 -7.02 6.26 13.62
C SER A 194 -5.67 6.22 12.92
N LEU A 195 -4.64 5.89 13.70
CA LEU A 195 -3.26 5.72 13.19
C LEU A 195 -2.61 4.60 13.92
N GLU A 196 -1.74 3.87 13.24
CA GLU A 196 -0.86 2.96 13.92
C GLU A 196 0.58 3.22 13.51
N PHE A 197 1.49 3.23 14.48
CA PHE A 197 2.93 3.29 14.27
C PHE A 197 3.49 1.91 14.62
N TRP A 198 4.24 1.35 13.70
CA TRP A 198 4.76 -0.01 13.80
C TRP A 198 6.26 0.03 13.70
N GLY A 199 6.91 -0.66 14.63
CA GLY A 199 8.35 -0.88 14.59
C GLY A 199 8.69 -2.33 14.82
N ASN A 200 9.87 -2.72 14.36
CA ASN A 200 10.27 -4.12 14.42
C ASN A 200 10.45 -4.63 15.85
N GLY A 201 10.83 -3.75 16.78
CA GLY A 201 11.03 -4.14 18.16
C GLY A 201 12.16 -5.11 18.37
N GLN A 202 12.14 -5.75 19.54
CA GLN A 202 13.16 -6.74 19.95
C GLN A 202 12.50 -8.12 20.12
N GLU A 203 13.23 -9.17 19.73
CA GLU A 203 12.78 -10.55 19.92
C GLU A 203 11.47 -10.85 19.22
N ARG A 204 11.21 -10.13 18.14
CA ARG A 204 10.02 -10.30 17.31
C ARG A 204 8.74 -9.78 17.98
N LEU A 205 8.91 -9.13 19.12
CA LEU A 205 7.79 -8.45 19.74
C LEU A 205 7.66 -7.12 19.04
N HIS A 206 6.99 -7.15 17.90
CA HIS A 206 6.88 -5.96 17.08
C HIS A 206 6.05 -4.96 17.87
N GLU A 207 6.45 -3.71 17.75
CA GLU A 207 5.91 -2.62 18.56
C GLU A 207 4.84 -1.88 17.79
N ARG A 208 3.62 -1.94 18.28
CA ARG A 208 2.45 -1.42 17.61
C ARG A 208 1.76 -0.44 18.55
N LEU A 209 1.74 0.82 18.12
CA LEU A 209 1.13 1.90 18.88
C LEU A 209 -0.06 2.43 18.09
N ARG A 210 -1.25 2.25 18.64
CA ARG A 210 -2.50 2.48 17.93
C ARG A 210 -3.28 3.62 18.58
N TYR A 211 -3.64 4.62 17.77
CA TYR A 211 -4.44 5.74 18.20
C TYR A 211 -5.83 5.74 17.56
N ASP A 212 -6.85 6.10 18.35
CA ASP A 212 -8.21 6.22 17.87
C ASP A 212 -8.78 7.54 18.37
N ARG A 213 -9.40 8.29 17.48
CA ARG A 213 -9.98 9.59 17.84
C ARG A 213 -11.18 9.38 18.73
N SER A 214 -11.27 10.24 19.75
CA SER A 214 -12.41 10.25 20.67
C SER A 214 -13.11 11.58 20.53
N ASP A 215 -14.20 11.76 21.28
CA ASP A 215 -14.92 13.01 21.28
C ASP A 215 -14.03 14.17 21.73
N THR A 216 -13.15 13.88 22.70
CA THR A 216 -12.36 14.91 23.35
C THR A 216 -10.88 14.92 22.96
N GLY A 217 -10.42 13.92 22.23
CA GLY A 217 -9.02 13.88 21.86
C GLY A 217 -8.70 12.61 21.14
N TRP A 218 -7.76 11.85 21.72
CA TRP A 218 -7.29 10.58 21.17
C TRP A 218 -7.10 9.59 22.29
N ASN A 219 -7.49 8.36 22.03
CA ASN A 219 -7.12 7.23 22.86
C ASN A 219 -5.95 6.50 22.24
N VAL A 220 -5.13 5.91 23.09
CA VAL A 220 -3.95 5.21 22.64
C VAL A 220 -3.85 3.86 23.31
N ARG A 221 -3.41 2.86 22.55
CA ARG A 221 -3.12 1.55 23.12
C ARG A 221 -1.99 0.88 22.36
N ARG A 222 -1.39 -0.14 22.99
CA ARG A 222 -0.47 -1.03 22.30
C ARG A 222 -1.25 -2.23 21.75
N LEU A 223 -0.82 -2.74 20.60
CA LEU A 223 -1.42 -3.94 20.01
C LEU A 223 -0.45 -5.11 19.99
N GLN A 224 -1.00 -6.31 20.09
CA GLN A 224 -0.21 -7.52 20.05
C GLN A 224 0.30 -7.74 18.62
N PRO A 225 1.56 -8.16 18.49
CA PRO A 225 2.18 -8.27 17.15
C PRO A 225 1.62 -9.36 16.27
N GLU B 20 9.21 16.28 -8.31
CA GLU B 20 8.94 14.87 -8.55
C GLU B 20 9.55 14.01 -7.44
N SER B 21 8.75 13.10 -6.91
CA SER B 21 9.24 12.26 -5.84
C SER B 21 9.93 10.97 -6.31
N LEU B 22 9.76 10.59 -7.58
CA LEU B 22 10.34 9.32 -8.07
C LEU B 22 11.85 9.36 -8.11
N THR B 23 12.46 8.32 -7.58
CA THR B 23 13.90 8.25 -7.46
C THR B 23 14.50 7.10 -8.28
N GLY B 24 13.67 6.26 -8.89
CA GLY B 24 14.18 5.09 -9.56
C GLY B 24 15.10 5.42 -10.71
N THR B 25 16.17 4.65 -10.85
CA THR B 25 17.12 4.83 -11.95
C THR B 25 17.52 3.56 -12.69
N LEU B 26 16.99 2.41 -12.27
CA LEU B 26 17.35 1.16 -12.90
C LEU B 26 16.44 0.94 -14.09
N ASP B 27 17.03 0.51 -15.20
CA ASP B 27 16.27 0.13 -16.38
C ASP B 27 15.26 -0.94 -16.01
N ALA B 28 14.06 -0.79 -16.52
CA ALA B 28 12.95 -1.68 -16.21
C ALA B 28 12.19 -1.99 -17.49
N PRO B 29 12.71 -2.94 -18.27
CA PRO B 29 12.06 -3.30 -19.53
C PRO B 29 10.59 -3.68 -19.35
N PHE B 30 9.73 -3.17 -20.22
CA PHE B 30 8.30 -3.43 -20.14
C PHE B 30 7.78 -3.72 -21.56
N PRO B 31 8.33 -4.78 -22.19
CA PRO B 31 7.84 -5.12 -23.52
C PRO B 31 6.37 -5.50 -23.51
N GLU B 32 5.87 -5.99 -22.38
CA GLU B 32 4.51 -6.45 -22.29
C GLU B 32 3.50 -5.31 -22.54
N TYR B 33 3.90 -4.07 -22.28
CA TYR B 33 3.04 -2.94 -22.57
C TYR B 33 2.80 -2.82 -24.08
N GLN B 34 3.80 -3.24 -24.87
CA GLN B 34 3.65 -3.27 -26.32
C GLN B 34 2.94 -4.54 -26.84
N THR B 35 3.31 -5.68 -26.24
CA THR B 35 2.88 -6.96 -26.80
C THR B 35 1.58 -7.48 -26.25
N LEU B 36 1.13 -6.95 -25.12
CA LEU B 36 -0.16 -7.32 -24.51
C LEU B 36 -0.35 -8.85 -24.38
N PRO B 37 0.51 -9.50 -23.61
CA PRO B 37 0.33 -10.95 -23.41
C PRO B 37 -1.06 -11.30 -22.89
N ALA B 38 -1.60 -12.42 -23.37
CA ALA B 38 -2.94 -12.84 -23.01
C ALA B 38 -3.08 -13.31 -21.56
N ASP B 39 -1.95 -13.67 -20.97
CA ASP B 39 -1.94 -14.36 -19.68
C ASP B 39 -1.13 -13.58 -18.65
N PRO B 40 -1.81 -12.78 -17.81
CA PRO B 40 -1.10 -11.83 -16.94
C PRO B 40 -0.17 -12.48 -15.93
N MET B 41 -0.41 -13.72 -15.52
CA MET B 41 0.48 -14.32 -14.53
C MET B 41 1.91 -14.47 -15.08
N SER B 42 2.06 -14.54 -16.41
CA SER B 42 3.38 -14.61 -16.99
C SER B 42 4.11 -13.27 -16.83
N VAL B 43 3.37 -12.19 -16.88
CA VAL B 43 3.95 -10.85 -16.69
C VAL B 43 4.37 -10.71 -15.22
N LEU B 44 3.54 -11.18 -14.31
CA LEU B 44 3.87 -11.15 -12.89
C LEU B 44 5.14 -11.95 -12.63
N HIS B 45 5.23 -13.18 -13.20
CA HIS B 45 6.43 -13.95 -13.06
CA HIS B 45 6.45 -13.95 -13.07
C HIS B 45 7.64 -13.20 -13.67
N ASN B 46 7.48 -12.62 -14.86
CA ASN B 46 8.62 -11.90 -15.50
C ASN B 46 9.11 -10.78 -14.57
N TRP B 47 8.18 -9.99 -14.05
CA TRP B 47 8.59 -8.82 -13.24
C TRP B 47 9.22 -9.27 -11.93
N LEU B 48 8.63 -10.26 -11.25
CA LEU B 48 9.23 -10.75 -10.01
C LEU B 48 10.59 -11.39 -10.22
N GLU B 49 10.79 -12.10 -11.31
CA GLU B 49 12.09 -12.71 -11.56
CA GLU B 49 12.09 -12.71 -11.56
C GLU B 49 13.13 -11.63 -11.82
N ARG B 50 12.76 -10.61 -12.57
CA ARG B 50 13.70 -9.52 -12.83
C ARG B 50 14.02 -8.81 -11.51
N ALA B 51 13.03 -8.60 -10.67
CA ALA B 51 13.27 -7.92 -9.39
C ALA B 51 14.29 -8.72 -8.56
N ARG B 52 14.17 -10.04 -8.57
CA ARG B 52 15.13 -10.87 -7.87
C ARG B 52 16.55 -10.74 -8.45
N ARG B 53 16.64 -10.80 -9.76
CA ARG B 53 17.94 -10.74 -10.45
C ARG B 53 18.67 -9.41 -10.25
N VAL B 54 17.93 -8.30 -10.24
CA VAL B 54 18.58 -6.99 -10.11
C VAL B 54 18.72 -6.56 -8.66
N GLY B 55 18.15 -7.31 -7.73
CA GLY B 55 18.37 -7.01 -6.33
C GLY B 55 17.46 -5.95 -5.72
N ILE B 56 16.22 -5.87 -6.19
CA ILE B 56 15.25 -4.99 -5.56
C ILE B 56 15.12 -5.37 -4.08
N ARG B 57 15.03 -4.37 -3.21
CA ARG B 57 14.89 -4.65 -1.80
C ARG B 57 13.44 -4.98 -1.45
N GLU B 58 13.23 -6.16 -0.89
CA GLU B 58 11.90 -6.63 -0.44
C GLU B 58 10.82 -6.42 -1.48
N PRO B 59 11.00 -7.04 -2.65
CA PRO B 59 10.01 -6.79 -3.69
C PRO B 59 8.65 -7.36 -3.35
N ARG B 60 8.58 -8.34 -2.46
CA ARG B 60 7.31 -9.02 -2.17
CA ARG B 60 7.31 -9.01 -2.18
C ARG B 60 6.57 -8.46 -0.95
N ALA B 61 6.97 -7.29 -0.47
CA ALA B 61 6.28 -6.60 0.61
C ALA B 61 5.05 -5.93 0.02
N LEU B 62 3.90 -6.54 0.29
CA LEU B 62 2.64 -6.16 -0.30
C LEU B 62 1.82 -5.29 0.67
N ALA B 63 1.43 -4.11 0.21
CA ALA B 63 0.53 -3.27 1.00
C ALA B 63 -0.88 -3.77 0.70
N LEU B 64 -1.42 -4.55 1.65
CA LEU B 64 -2.66 -5.30 1.48
C LEU B 64 -3.83 -4.55 2.11
N ALA B 65 -4.86 -4.29 1.31
CA ALA B 65 -6.09 -3.64 1.76
C ALA B 65 -7.24 -4.63 1.84
N THR B 66 -7.96 -4.55 2.96
CA THR B 66 -9.19 -5.28 3.19
C THR B 66 -10.23 -4.23 3.59
N ALA B 67 -11.47 -4.64 3.75
CA ALA B 67 -12.51 -3.70 4.17
C ALA B 67 -13.45 -4.31 5.19
N ASP B 68 -13.87 -3.45 6.10
CA ASP B 68 -14.80 -3.85 7.17
C ASP B 68 -16.24 -3.98 6.68
N SER B 69 -17.16 -4.27 7.59
CA SER B 69 -18.53 -4.60 7.20
CA SER B 69 -18.53 -4.60 7.20
C SER B 69 -19.27 -3.45 6.51
N GLN B 70 -18.80 -2.23 6.70
CA GLN B 70 -19.38 -1.03 6.08
C GLN B 70 -18.59 -0.54 4.86
N GLY B 71 -17.61 -1.32 4.43
CA GLY B 71 -16.77 -0.95 3.28
C GLY B 71 -15.64 0.02 3.59
N ARG B 72 -15.23 0.12 4.85
CA ARG B 72 -14.15 1.02 5.22
C ARG B 72 -12.83 0.25 5.13
N PRO B 73 -11.89 0.73 4.29
CA PRO B 73 -10.64 -0.02 4.13
C PRO B 73 -9.70 0.04 5.33
N SER B 74 -8.85 -0.98 5.41
CA SER B 74 -7.69 -0.96 6.29
C SER B 74 -6.52 -1.51 5.49
N THR B 75 -5.30 -1.18 5.91
CA THR B 75 -4.09 -1.56 5.19
C THR B 75 -2.98 -1.95 6.15
N ARG B 76 -2.02 -2.73 5.64
CA ARG B 76 -0.81 -3.12 6.35
C ARG B 76 0.07 -3.86 5.35
N ILE B 77 1.35 -4.00 5.67
CA ILE B 77 2.23 -4.82 4.87
C ILE B 77 2.11 -6.32 5.24
N VAL B 78 2.02 -7.18 4.23
CA VAL B 78 2.24 -8.61 4.42
C VAL B 78 3.22 -9.05 3.34
N VAL B 79 3.85 -10.21 3.54
CA VAL B 79 4.76 -10.75 2.53
C VAL B 79 4.08 -11.80 1.67
N ILE B 80 4.24 -11.68 0.35
CA ILE B 80 3.82 -12.72 -0.55
C ILE B 80 4.79 -13.89 -0.44
N SER B 81 4.28 -15.03 0.01
CA SER B 81 5.15 -16.18 0.21
C SER B 81 5.25 -17.09 -1.00
N GLU B 82 4.22 -17.06 -1.85
CA GLU B 82 4.20 -17.91 -3.04
CA GLU B 82 4.20 -17.92 -3.03
C GLU B 82 3.35 -17.27 -4.09
N ILE B 83 3.67 -17.57 -5.35
CA ILE B 83 2.83 -17.25 -6.50
C ILE B 83 2.17 -18.56 -6.90
N SER B 84 0.85 -18.55 -6.98
CA SER B 84 0.08 -19.76 -7.32
C SER B 84 -0.48 -19.62 -8.73
N ASP B 85 -1.17 -20.64 -9.23
CA ASP B 85 -1.75 -20.53 -10.55
C ASP B 85 -2.79 -19.42 -10.62
N ALA B 86 -3.53 -19.23 -9.53
CA ALA B 86 -4.65 -18.31 -9.47
C ALA B 86 -4.31 -16.93 -8.92
N GLY B 87 -3.14 -16.79 -8.29
CA GLY B 87 -2.88 -15.55 -7.58
C GLY B 87 -1.62 -15.57 -6.74
N VAL B 88 -1.73 -14.99 -5.54
CA VAL B 88 -0.62 -14.90 -4.61
C VAL B 88 -1.07 -15.35 -3.23
N VAL B 89 -0.12 -15.85 -2.45
CA VAL B 89 -0.39 -16.44 -1.17
C VAL B 89 0.36 -15.69 -0.07
N PHE B 90 -0.29 -15.56 1.08
CA PHE B 90 0.34 -14.97 2.27
C PHE B 90 -0.25 -15.62 3.52
N SER B 91 0.48 -15.51 4.62
CA SER B 91 0.00 -16.08 5.89
CA SER B 91 0.01 -16.06 5.90
C SER B 91 -0.28 -14.97 6.90
N THR B 92 -1.18 -15.24 7.83
CA THR B 92 -1.52 -14.28 8.86
C THR B 92 -2.26 -14.98 9.99
N HIS B 93 -2.77 -14.21 10.93
CA HIS B 93 -3.60 -14.77 12.00
C HIS B 93 -5.07 -14.49 11.70
N ALA B 94 -5.90 -15.52 11.82
CA ALA B 94 -7.31 -15.38 11.47
C ALA B 94 -8.04 -14.35 12.33
N GLY B 95 -7.59 -14.16 13.57
CA GLY B 95 -8.22 -13.22 14.48
C GLY B 95 -7.74 -11.79 14.38
N SER B 96 -6.76 -11.55 13.51
CA SER B 96 -6.27 -10.20 13.27
C SER B 96 -7.36 -9.36 12.59
N GLN B 97 -7.13 -8.07 12.46
CA GLN B 97 -8.10 -7.23 11.74
C GLN B 97 -8.26 -7.70 10.28
N LYS B 98 -7.16 -7.96 9.59
CA LYS B 98 -7.29 -8.38 8.20
C LYS B 98 -8.00 -9.74 8.12
N GLY B 99 -7.74 -10.61 9.09
CA GLY B 99 -8.36 -11.92 9.03
C GLY B 99 -9.85 -11.86 9.26
N ARG B 100 -10.25 -11.08 10.25
CA ARG B 100 -11.66 -10.88 10.52
CA ARG B 100 -11.66 -10.88 10.53
C ARG B 100 -12.35 -10.20 9.34
N GLU B 101 -11.67 -9.23 8.75
CA GLU B 101 -12.28 -8.56 7.58
C GLU B 101 -12.44 -9.51 6.40
N LEU B 102 -11.42 -10.30 6.09
CA LEU B 102 -11.48 -11.23 4.96
C LEU B 102 -12.50 -12.35 5.14
N LEU B 103 -12.73 -12.77 6.37
CA LEU B 103 -13.66 -13.85 6.61
C LEU B 103 -15.10 -13.41 6.38
N HIS B 104 -15.35 -12.11 6.49
CA HIS B 104 -16.65 -11.56 6.17
C HIS B 104 -16.80 -11.03 4.74
N ASN B 105 -15.72 -10.47 4.20
CA ASN B 105 -15.69 -9.88 2.88
C ASN B 105 -14.37 -10.29 2.24
N PRO B 106 -14.40 -11.28 1.36
CA PRO B 106 -13.15 -11.81 0.80
C PRO B 106 -12.42 -10.89 -0.17
N TRP B 107 -13.04 -9.80 -0.63
CA TRP B 107 -12.38 -8.93 -1.59
C TRP B 107 -11.24 -8.15 -0.96
N ALA B 108 -10.11 -8.13 -1.68
CA ALA B 108 -8.92 -7.44 -1.23
C ALA B 108 -8.18 -6.87 -2.42
N SER B 109 -7.25 -5.97 -2.11
CA SER B 109 -6.35 -5.39 -3.11
C SER B 109 -5.02 -5.16 -2.45
N GLY B 110 -3.93 -5.45 -3.18
CA GLY B 110 -2.62 -5.13 -2.68
C GLY B 110 -1.75 -4.49 -3.72
N VAL B 111 -0.81 -3.68 -3.26
CA VAL B 111 0.14 -3.03 -4.18
C VAL B 111 1.59 -3.32 -3.78
N LEU B 112 2.39 -3.70 -4.77
CA LEU B 112 3.85 -3.77 -4.70
C LEU B 112 4.39 -2.50 -5.35
N TYR B 113 5.40 -1.91 -4.73
CA TYR B 113 6.02 -0.72 -5.31
C TYR B 113 7.52 -0.87 -5.13
N TRP B 114 8.24 -0.79 -6.26
CA TRP B 114 9.69 -0.97 -6.29
C TRP B 114 10.32 0.38 -6.64
N ARG B 115 10.87 1.04 -5.64
CA ARG B 115 11.48 2.37 -5.80
C ARG B 115 12.59 2.37 -6.84
N GLU B 116 13.37 1.30 -6.90
CA GLU B 116 14.59 1.32 -7.70
C GLU B 116 14.30 1.38 -9.21
N THR B 117 13.18 0.79 -9.59
CA THR B 117 12.80 0.71 -11.01
C THR B 117 11.54 1.51 -11.34
N SER B 118 10.96 2.17 -10.35
CA SER B 118 9.71 2.93 -10.53
C SER B 118 8.63 2.03 -11.13
N GLN B 119 8.42 0.88 -10.49
CA GLN B 119 7.37 -0.06 -10.94
C GLN B 119 6.36 -0.34 -9.82
N GLN B 120 5.10 -0.45 -10.21
CA GLN B 120 4.05 -0.88 -9.29
C GLN B 120 3.33 -2.05 -9.87
N ILE B 121 2.87 -2.92 -9.02
CA ILE B 121 1.99 -4.02 -9.40
C ILE B 121 0.78 -3.98 -8.45
N ILE B 122 -0.41 -3.87 -9.03
CA ILE B 122 -1.64 -3.85 -8.28
C ILE B 122 -2.39 -5.16 -8.52
N LEU B 123 -2.79 -5.81 -7.42
CA LEU B 123 -3.34 -7.16 -7.42
C LEU B 123 -4.69 -7.13 -6.70
N ASN B 124 -5.76 -7.43 -7.43
CA ASN B 124 -7.14 -7.36 -6.90
C ASN B 124 -7.80 -8.73 -7.00
N GLY B 125 -8.52 -9.14 -5.96
CA GLY B 125 -9.23 -10.39 -6.06
C GLY B 125 -9.91 -10.78 -4.78
N GLN B 126 -10.21 -12.07 -4.65
CA GLN B 126 -10.89 -12.59 -3.47
C GLN B 126 -9.94 -13.52 -2.76
N ALA B 127 -9.82 -13.34 -1.45
CA ALA B 127 -8.91 -14.15 -0.67
C ALA B 127 -9.69 -15.32 -0.07
N VAL B 128 -9.12 -16.51 -0.18
CA VAL B 128 -9.71 -17.75 0.33
C VAL B 128 -8.74 -18.37 1.31
N ARG B 129 -9.25 -18.76 2.47
CA ARG B 129 -8.44 -19.42 3.46
C ARG B 129 -8.21 -20.85 3.00
N LEU B 130 -6.94 -21.25 2.96
CA LEU B 130 -6.54 -22.56 2.49
C LEU B 130 -6.66 -23.58 3.62
N PRO B 131 -6.65 -24.86 3.27
CA PRO B 131 -6.82 -25.90 4.30
C PRO B 131 -5.75 -25.90 5.39
N ASN B 132 -6.10 -26.48 6.54
CA ASN B 132 -5.15 -26.51 7.63
C ASN B 132 -3.84 -27.24 7.27
N ALA B 133 -3.91 -28.23 6.39
CA ALA B 133 -2.68 -28.92 5.96
C ALA B 133 -1.69 -27.93 5.33
N LYS B 134 -2.20 -27.00 4.54
CA LYS B 134 -1.39 -25.95 3.95
C LYS B 134 -0.80 -25.04 5.02
N ALA B 135 -1.62 -24.67 6.01
CA ALA B 135 -1.16 -23.83 7.10
C ALA B 135 -0.08 -24.56 7.91
N ASP B 136 -0.27 -25.87 8.10
CA ASP B 136 0.72 -26.66 8.84
C ASP B 136 2.07 -26.59 8.12
N ASP B 137 2.03 -26.76 6.80
CA ASP B 137 3.25 -26.72 6.02
C ASP B 137 3.90 -25.33 6.03
N ALA B 138 3.11 -24.28 5.90
CA ALA B 138 3.65 -22.93 5.91
C ALA B 138 4.29 -22.63 7.26
N TRP B 139 3.62 -23.06 8.32
CA TRP B 139 4.11 -22.81 9.67
C TRP B 139 5.47 -23.46 9.84
N LEU B 140 5.60 -24.69 9.38
CA LEU B 140 6.87 -25.41 9.51
C LEU B 140 7.98 -24.81 8.66
N LYS B 141 7.62 -24.11 7.58
CA LYS B 141 8.62 -23.52 6.71
C LYS B 141 9.16 -22.20 7.25
N ARG B 142 8.48 -21.63 8.23
CA ARG B 142 8.98 -20.44 8.89
CA ARG B 142 8.97 -20.42 8.89
C ARG B 142 10.14 -20.80 9.80
N PRO B 143 11.13 -19.91 9.92
CA PRO B 143 12.22 -20.19 10.87
C PRO B 143 11.64 -20.45 12.27
N TYR B 144 12.14 -21.47 12.98
CA TYR B 144 11.50 -21.81 14.24
C TYR B 144 11.66 -20.72 15.31
N ALA B 145 12.62 -19.82 15.12
CA ALA B 145 12.78 -18.68 16.03
C ALA B 145 11.56 -17.75 16.02
N THR B 146 10.73 -17.85 14.97
CA THR B 146 9.56 -17.01 14.88
C THR B 146 8.38 -17.65 15.62
N HIS B 147 8.49 -18.93 15.97
CA HIS B 147 7.33 -19.62 16.51
C HIS B 147 6.89 -19.14 17.89
N PRO B 148 7.83 -18.85 18.79
CA PRO B 148 7.33 -18.49 20.14
C PRO B 148 6.43 -17.25 20.16
N MET B 149 6.85 -16.16 19.54
CA MET B 149 6.06 -14.94 19.62
C MET B 149 4.74 -15.11 18.87
N SER B 150 4.81 -15.82 17.73
CA SER B 150 3.60 -16.02 16.94
C SER B 150 2.60 -16.92 17.65
N SER B 151 3.10 -17.70 18.61
CA SER B 151 2.24 -18.58 19.41
C SER B 151 1.57 -17.83 20.56
N VAL B 152 2.30 -16.96 21.23
CA VAL B 152 1.75 -16.29 22.40
C VAL B 152 0.89 -15.10 22.01
N SER B 153 1.18 -14.48 20.87
CA SER B 153 0.50 -13.26 20.49
C SER B 153 -0.84 -13.52 19.83
N ARG B 154 -1.87 -12.81 20.29
CA ARG B 154 -3.16 -12.76 19.59
C ARG B 154 -3.18 -11.49 18.74
N GLN B 155 -2.67 -11.63 17.53
CA GLN B 155 -2.38 -10.50 16.66
C GLN B 155 -3.52 -9.49 16.61
N SER B 156 -3.18 -8.23 16.92
CA SER B 156 -4.06 -7.06 16.79
C SER B 156 -5.05 -6.84 17.95
N GLU B 157 -5.11 -7.78 18.88
CA GLU B 157 -5.79 -7.52 20.15
C GLU B 157 -4.96 -6.56 20.98
N GLU B 158 -5.57 -5.91 21.96
CA GLU B 158 -4.80 -5.00 22.79
C GLU B 158 -3.74 -5.76 23.58
N LEU B 159 -2.55 -5.16 23.63
CA LEU B 159 -1.45 -5.68 24.45
C LEU B 159 -1.42 -4.99 25.80
N GLN B 160 -1.71 -5.74 26.87
CA GLN B 160 -1.85 -5.13 28.19
C GLN B 160 -0.55 -5.08 28.99
N ASP B 161 0.35 -6.03 28.74
CA ASP B 161 1.57 -6.15 29.54
C ASP B 161 2.67 -6.64 28.60
N VAL B 162 3.52 -5.71 28.15
CA VAL B 162 4.58 -6.04 27.21
C VAL B 162 5.56 -7.05 27.80
N GLN B 163 5.99 -6.83 29.03
CA GLN B 163 6.95 -7.72 29.66
C GLN B 163 6.39 -9.12 29.83
N ALA B 164 5.09 -9.23 30.11
CA ALA B 164 4.46 -10.56 30.28
C ALA B 164 4.53 -11.35 28.99
N MET B 165 4.26 -10.67 27.87
CA MET B 165 4.35 -11.34 26.59
C MET B 165 5.80 -11.72 26.27
N ARG B 166 6.71 -10.80 26.54
CA ARG B 166 8.14 -11.06 26.32
C ARG B 166 8.59 -12.27 27.13
N ASN B 167 8.23 -12.31 28.42
CA ASN B 167 8.66 -13.41 29.28
C ASN B 167 8.06 -14.75 28.85
N ALA B 168 6.77 -14.73 28.50
CA ALA B 168 6.12 -15.95 28.00
C ALA B 168 6.80 -16.49 26.75
N ALA B 169 7.09 -15.63 25.79
CA ALA B 169 7.73 -16.08 24.56
C ALA B 169 9.12 -16.64 24.86
N ARG B 170 9.87 -15.97 25.73
CA ARG B 170 11.21 -16.45 26.10
C ARG B 170 11.16 -17.87 26.66
N GLN B 171 10.15 -18.16 27.48
CA GLN B 171 10.01 -19.49 28.03
C GLN B 171 9.78 -20.52 26.91
N LEU B 172 8.97 -20.17 25.91
CA LEU B 172 8.68 -21.11 24.83
C LEU B 172 9.90 -21.29 23.95
N ALA B 173 10.71 -20.25 23.89
CA ALA B 173 11.87 -20.25 23.00
C ALA B 173 12.97 -21.16 23.50
N GLU B 174 12.86 -21.62 24.75
CA GLU B 174 13.87 -22.52 25.29
C GLU B 174 13.92 -23.84 24.51
N LEU B 175 12.78 -24.26 23.95
CA LEU B 175 12.71 -25.50 23.19
C LEU B 175 13.76 -25.57 22.09
N GLN B 176 14.00 -24.45 21.41
CA GLN B 176 15.01 -24.41 20.35
C GLN B 176 14.66 -25.41 19.25
N GLY B 177 13.39 -25.41 18.87
CA GLY B 177 12.88 -26.30 17.83
C GLY B 177 11.45 -25.89 17.52
N PRO B 178 10.82 -26.59 16.55
CA PRO B 178 9.49 -26.17 16.09
C PRO B 178 8.39 -26.42 17.13
N LEU B 179 7.36 -25.58 17.12
CA LEU B 179 6.24 -25.66 18.03
C LEU B 179 5.03 -26.04 17.18
N PRO B 180 3.96 -26.49 17.82
CA PRO B 180 2.75 -26.79 17.06
C PRO B 180 2.20 -25.52 16.41
N ARG B 181 1.53 -25.65 15.26
CA ARG B 181 0.87 -24.50 14.65
C ARG B 181 -0.22 -23.98 15.60
N PRO B 182 -0.21 -22.67 15.88
CA PRO B 182 -1.27 -22.07 16.69
C PRO B 182 -2.61 -22.10 15.98
N GLU B 183 -3.68 -22.31 16.74
CA GLU B 183 -5.02 -22.08 16.24
C GLU B 183 -5.01 -20.68 15.70
N GLY B 184 -5.57 -20.52 14.53
CA GLY B 184 -5.68 -19.20 13.99
C GLY B 184 -4.56 -18.86 13.05
N TYR B 185 -3.40 -19.51 13.09
CA TYR B 185 -2.40 -19.25 12.04
CA TYR B 185 -2.41 -19.25 12.05
C TYR B 185 -2.93 -19.86 10.75
N CYS B 186 -3.04 -19.03 9.73
CA CYS B 186 -3.67 -19.43 8.50
C CYS B 186 -2.99 -18.89 7.26
N VAL B 187 -3.35 -19.46 6.14
CA VAL B 187 -2.80 -19.07 4.85
C VAL B 187 -3.97 -18.71 3.96
N PHE B 188 -3.84 -17.56 3.28
CA PHE B 188 -4.84 -17.11 2.32
C PHE B 188 -4.23 -17.13 0.92
N GLU B 189 -5.05 -17.53 -0.05
CA GLU B 189 -4.72 -17.34 -1.44
C GLU B 189 -5.58 -16.21 -1.98
N LEU B 190 -4.94 -15.16 -2.48
CA LEU B 190 -5.67 -14.08 -3.13
C LEU B 190 -5.82 -14.49 -4.58
N ARG B 191 -7.03 -14.92 -4.94
CA ARG B 191 -7.33 -15.38 -6.28
C ARG B 191 -7.69 -14.19 -7.13
N LEU B 192 -6.87 -13.91 -8.14
CA LEU B 192 -6.93 -12.61 -8.78
C LEU B 192 -8.07 -12.50 -9.78
N GLU B 193 -8.73 -11.35 -9.77
CA GLU B 193 -9.76 -10.97 -10.72
C GLU B 193 -9.29 -9.84 -11.63
N SER B 194 -8.32 -9.06 -11.18
CA SER B 194 -7.72 -8.03 -12.03
C SER B 194 -6.30 -7.71 -11.53
N LEU B 195 -5.49 -7.18 -12.45
CA LEU B 195 -4.11 -6.81 -12.17
C LEU B 195 -3.79 -5.55 -12.92
N GLU B 196 -2.91 -4.73 -12.37
CA GLU B 196 -2.30 -3.68 -13.17
C GLU B 196 -0.78 -3.72 -12.99
N PHE B 197 -0.08 -3.59 -14.10
CA PHE B 197 1.38 -3.39 -14.12
C PHE B 197 1.64 -1.96 -14.54
N TRP B 198 2.36 -1.23 -13.68
CA TRP B 198 2.62 0.19 -13.88
C TRP B 198 4.12 0.42 -13.98
N GLY B 199 4.53 1.07 -15.07
CA GLY B 199 5.91 1.46 -15.29
C GLY B 199 5.98 2.95 -15.55
N ASN B 200 7.12 3.55 -15.27
CA ASN B 200 7.24 4.99 -15.34
C ASN B 200 7.10 5.50 -16.78
N GLY B 201 7.53 4.70 -17.73
CA GLY B 201 7.44 5.09 -19.12
C GLY B 201 8.38 6.24 -19.51
N GLN B 202 8.09 6.81 -20.68
CA GLN B 202 8.86 7.92 -21.21
CA GLN B 202 8.86 7.92 -21.20
C GLN B 202 8.00 9.18 -21.27
N GLU B 203 8.61 10.34 -21.00
CA GLU B 203 7.92 11.64 -21.06
C GLU B 203 6.67 11.70 -20.18
N ARG B 204 6.73 10.99 -19.07
CA ARG B 204 5.66 10.95 -18.07
CA ARG B 204 5.65 10.94 -18.08
C ARG B 204 4.39 10.25 -18.58
N LEU B 205 4.48 9.58 -19.73
CA LEU B 205 3.37 8.75 -20.19
C LEU B 205 3.55 7.42 -19.49
N HIS B 206 3.12 7.38 -18.25
CA HIS B 206 3.28 6.18 -17.46
C HIS B 206 2.53 5.04 -18.13
N GLU B 207 3.15 3.87 -18.10
CA GLU B 207 2.71 2.70 -18.83
C GLU B 207 1.89 1.81 -17.90
N ARG B 208 0.59 1.74 -18.16
CA ARG B 208 -0.35 1.05 -17.30
C ARG B 208 -1.02 -0.05 -18.10
N LEU B 209 -0.73 -1.28 -17.73
CA LEU B 209 -1.25 -2.47 -18.41
C LEU B 209 -2.23 -3.15 -17.44
N ARG B 210 -3.51 -3.15 -17.81
CA ARG B 210 -4.59 -3.59 -16.95
C ARG B 210 -5.27 -4.85 -17.48
N TYR B 211 -5.42 -5.83 -16.59
CA TYR B 211 -6.06 -7.10 -16.89
C TYR B 211 -7.30 -7.28 -16.04
N ASP B 212 -8.35 -7.84 -16.65
CA ASP B 212 -9.59 -8.18 -15.94
C ASP B 212 -10.03 -9.55 -16.41
N ARG B 213 -10.41 -10.42 -15.48
CA ARG B 213 -10.83 -11.74 -15.85
C ARG B 213 -12.08 -11.67 -16.71
N SER B 214 -12.15 -12.54 -17.72
CA SER B 214 -13.32 -12.68 -18.57
C SER B 214 -13.91 -14.06 -18.35
N ASP B 215 -14.99 -14.36 -19.04
CA ASP B 215 -15.66 -15.64 -18.87
C ASP B 215 -14.68 -16.70 -19.24
N THR B 216 -13.89 -16.39 -20.26
CA THR B 216 -12.83 -17.23 -20.73
C THR B 216 -11.55 -16.39 -20.86
N GLY B 217 -10.62 -16.60 -19.95
CA GLY B 217 -9.34 -15.95 -20.02
C GLY B 217 -9.38 -14.57 -19.40
N TRP B 218 -8.71 -13.63 -20.06
CA TRP B 218 -8.54 -12.28 -19.57
C TRP B 218 -8.79 -11.27 -20.67
N ASN B 219 -9.29 -10.10 -20.27
CA ASN B 219 -9.29 -8.92 -21.13
C ASN B 219 -8.12 -8.05 -20.72
N VAL B 220 -7.48 -7.44 -21.70
CA VAL B 220 -6.31 -6.61 -21.45
CA VAL B 220 -6.32 -6.60 -21.45
C VAL B 220 -6.51 -5.24 -22.09
N ARG B 221 -6.12 -4.20 -21.39
CA ARG B 221 -6.27 -2.83 -21.85
C ARG B 221 -5.07 -2.03 -21.36
N ARG B 222 -4.80 -0.93 -22.03
CA ARG B 222 -3.90 0.10 -21.50
C ARG B 222 -4.74 1.19 -20.84
N LEU B 223 -4.24 1.77 -19.75
CA LEU B 223 -4.93 2.86 -19.08
C LEU B 223 -4.18 4.17 -19.22
N GLN B 224 -4.93 5.26 -19.21
CA GLN B 224 -4.33 6.59 -19.25
C GLN B 224 -3.65 6.94 -17.93
N PRO B 225 -2.48 7.58 -17.99
CA PRO B 225 -1.69 7.81 -16.77
C PRO B 225 -2.25 8.80 -15.80
N1 FMN C . -1.20 9.34 -8.84
C2 FMN C . -1.88 10.43 -8.37
O2 FMN C . -2.99 10.69 -8.81
N3 FMN C . -1.35 11.19 -7.35
C4 FMN C . -0.12 10.93 -6.81
O4 FMN C . 0.30 11.60 -5.87
C4A FMN C . 0.60 9.85 -7.33
N5 FMN C . 1.83 9.55 -6.83
C5A FMN C . 2.52 8.44 -7.31
C6 FMN C . 3.77 8.10 -6.76
C7 FMN C . 4.44 6.96 -7.20
C7M FMN C . 5.76 6.68 -6.57
C8 FMN C . 3.88 6.18 -8.22
C8M FMN C . 4.59 4.96 -8.71
C9 FMN C . 2.63 6.49 -8.73
C9A FMN C . 1.96 7.64 -8.30
N10 FMN C . 0.71 8.00 -8.82
C10 FMN C . 0.03 9.07 -8.30
C1' FMN C . 0.02 7.16 -9.84
C2' FMN C . -0.94 6.21 -9.08
O2' FMN C . -0.22 5.13 -8.49
C3' FMN C . -2.04 5.63 -9.97
O3' FMN C . -1.48 5.02 -11.14
C4' FMN C . -3.05 6.68 -10.44
O4' FMN C . -3.25 7.66 -9.42
C5' FMN C . -4.34 6.00 -10.87
O5' FMN C . -4.86 5.27 -9.78
P FMN C . -6.36 4.70 -9.78
O1P FMN C . -7.26 5.83 -9.40
O2P FMN C . -6.64 4.21 -11.19
O3P FMN C . -6.34 3.53 -8.80
HN3 FMN C . -1.91 11.98 -6.97
H6 FMN C . 4.20 8.72 -5.99
HM71 FMN C . 6.19 5.79 -7.03
HM72 FMN C . 6.43 7.53 -6.73
HM73 FMN C . 5.63 6.51 -5.51
HM81 FMN C . 3.97 4.46 -9.46
HM82 FMN C . 5.54 5.24 -9.16
HM83 FMN C . 4.77 4.27 -7.88
H9 FMN C . 2.17 5.85 -9.48
H1'1 FMN C . -0.53 7.78 -10.53
H1'2 FMN C . 0.75 6.57 -10.40
H2' FMN C . -1.43 6.79 -8.29
HO2' FMN C . -0.60 4.28 -8.79
H3' FMN C . -2.58 4.87 -9.40
HO3' FMN C . -1.88 5.43 -11.94
H4' FMN C . -2.63 7.17 -11.32
HO4' FMN C . -4.20 7.70 -9.19
H5'1 FMN C . -4.16 5.33 -11.70
H5'2 FMN C . -5.07 6.75 -11.18
S SO4 D . -18.63 -6.96 -11.09
O1 SO4 D . -18.13 -5.59 -11.16
O2 SO4 D . -19.22 -7.32 -12.38
O3 SO4 D . -17.52 -7.85 -10.77
O4 SO4 D . -19.66 -7.06 -10.05
O01 WUB E . 6.16 12.16 -7.19
C02 WUB E . 5.37 12.52 -8.14
O03 WUB E . 5.17 13.55 -8.88
C04 WUB E . 4.44 11.41 -8.53
C05 WUB E . 5.20 10.37 -9.34
C06 WUB E . 4.47 9.49 -10.34
C07 WUB E . 3.20 9.80 -10.74
C08 WUB E . 2.54 11.00 -10.16
N09 WUB E . 1.26 11.23 -10.50
C10 WUB E . 0.56 12.33 -9.97
C11 WUB E . -0.73 12.61 -10.46
C12 WUB E . -1.46 13.67 -9.92
C13 WUB E . -0.91 14.43 -8.91
C14 WUB E . 0.35 14.15 -8.42
C15 WUB E . 1.11 13.07 -8.97
N16 WUB E . 2.41 12.78 -8.46
C17 WUB E . 3.30 12.00 -9.30
H041 WUB E . 4.10 10.98 -7.72
H052 WUB E . 5.87 10.86 -9.84
H051 WUB E . 5.69 9.77 -8.73
H061 WUB E . 4.91 8.71 -10.72
H071 WUB E . 2.72 9.23 -11.38
H111 WUB E . -1.10 12.05 -11.17
H121 WUB E . -2.36 13.87 -10.26
H131 WUB E . -1.42 15.18 -8.54
H141 WUB E . 0.73 14.70 -7.72
H161 WUB E . 2.70 13.36 -7.84
H171 WUB E . 3.71 12.64 -9.93
N1 FMN F . 1.72 -9.78 9.22
C2 FMN F . 1.19 -10.97 8.82
O2 FMN F . 0.22 -11.43 9.43
N3 FMN F . 1.72 -11.65 7.75
C4 FMN F . 2.82 -11.17 7.07
O4 FMN F . 3.25 -11.79 6.08
C4A FMN F . 3.39 -9.99 7.51
N5 FMN F . 4.53 -9.51 6.90
C5A FMN F . 5.06 -8.29 7.29
C6 FMN F . 6.17 -7.80 6.62
C7 FMN F . 6.73 -6.58 6.97
C7M FMN F . 7.92 -6.08 6.20
C8 FMN F . 6.17 -5.86 8.02
C8M FMN F . 6.78 -4.56 8.40
C9 FMN F . 5.05 -6.35 8.71
C9A FMN F . 4.49 -7.57 8.35
N10 FMN F . 3.40 -8.10 9.01
C10 FMN F . 2.85 -9.29 8.58
C1' FMN F . 2.73 -7.38 10.12
C2' FMN F . 1.54 -6.62 9.52
O2' FMN F . 1.98 -5.47 8.82
C3' FMN F . 0.51 -6.22 10.58
O3' FMN F . 1.10 -5.50 11.64
C4' FMN F . -0.21 -7.43 11.18
O4' FMN F . -0.41 -8.44 10.20
C5' FMN F . -1.55 -7.03 11.77
O5' FMN F . -2.32 -6.38 10.77
P FMN F . -3.89 -6.08 11.03
O1P FMN F . -4.63 -7.37 10.77
O2P FMN F . -4.03 -5.60 12.46
O3P FMN F . -4.27 -4.97 10.03
HN3 FMN F . 1.27 -12.54 7.43
H6 FMN F . 6.61 -8.39 5.80
HM71 FMN F . 8.23 -5.12 6.59
HM72 FMN F . 8.73 -6.80 6.28
HM73 FMN F . 7.64 -5.96 5.14
HM81 FMN F . 6.21 -4.12 9.23
HM82 FMN F . 6.75 -3.88 7.55
HM83 FMN F . 7.81 -4.70 8.71
H9 FMN F . 4.70 -5.83 9.61
H1'1 FMN F . 3.42 -6.69 10.60
H1'2 FMN F . 2.38 -8.10 10.88
H2' FMN F . 1.04 -7.30 8.82
HO2' FMN F . 1.51 -4.67 9.18
H3' FMN F . -0.25 -5.60 10.09
HO3' FMN F . 0.90 -5.96 12.48
H4' FMN F . 0.41 -7.83 11.99
HO4' FMN F . -1.36 -8.64 10.12
H5'1 FMN F . -1.40 -6.35 12.61
H5'2 FMN F . -2.08 -7.91 12.13
#